data_1WO5
#
_entry.id   1WO5
#
loop_
_entity.id
_entity.type
_entity.pdbx_description
1 polymer 'CREB Binding Protein'
2 non-polymer 'ZINC ION'
#
_entity_poly.entity_id   1
_entity_poly.type   'polypeptide(L)'
_entity_poly.pdbx_seq_one_letter_code
;RVIACFLKVCAAAANVAAHMTHCAK
;
_entity_poly.pdbx_strand_id   A
#
loop_
_chem_comp.id
_chem_comp.type
_chem_comp.name
_chem_comp.formula
ZN non-polymer 'ZINC ION' 'Zn 2'
#
# COMPACT_ATOMS: atom_id res chain seq x y z
N ARG A 1 7.07 -3.00 1.62
CA ARG A 1 7.11 -2.39 2.98
C ARG A 1 5.77 -1.78 3.35
N VAL A 2 5.02 -1.33 2.33
CA VAL A 2 3.71 -0.72 2.53
C VAL A 2 3.73 0.26 3.71
N ILE A 3 4.87 0.89 3.93
CA ILE A 3 5.01 1.85 5.02
C ILE A 3 4.64 3.26 4.56
N ALA A 4 5.02 3.60 3.32
CA ALA A 4 4.73 4.90 2.76
C ALA A 4 3.22 5.12 2.63
N CYS A 5 2.48 4.02 2.51
CA CYS A 5 1.03 4.09 2.37
C CYS A 5 0.41 4.85 3.54
N PHE A 6 -0.21 5.99 3.24
CA PHE A 6 -0.85 6.81 4.27
C PHE A 6 -2.35 6.55 4.34
N LEU A 7 -2.73 5.31 4.03
CA LEU A 7 -4.14 4.94 4.06
C LEU A 7 -4.38 3.80 5.05
N LYS A 8 -5.65 3.48 5.28
CA LYS A 8 -6.02 2.42 6.21
C LYS A 8 -6.23 1.10 5.46
N VAL A 9 -7.36 0.98 4.78
CA VAL A 9 -7.67 -0.23 4.03
C VAL A 9 -6.60 -0.54 3.00
N CYS A 10 -6.02 0.50 2.41
CA CYS A 10 -4.98 0.33 1.41
C CYS A 10 -3.75 -0.34 2.01
N ALA A 11 -3.19 0.28 3.04
CA ALA A 11 -2.01 -0.25 3.71
C ALA A 11 -2.35 -1.52 4.50
N ALA A 12 -3.60 -1.60 4.97
CA ALA A 12 -4.05 -2.74 5.75
C ALA A 12 -4.54 -3.88 4.85
N ALA A 13 -3.90 -4.04 3.70
CA ALA A 13 -4.28 -5.10 2.77
C ALA A 13 -3.24 -6.22 2.74
N ALA A 14 -2.14 -6.04 3.46
CA ALA A 14 -1.08 -7.03 3.51
C ALA A 14 -0.62 -7.43 2.12
N ASN A 15 -0.76 -6.51 1.16
CA ASN A 15 -0.35 -6.77 -0.22
C ASN A 15 0.38 -5.56 -0.80
N VAL A 16 1.64 -5.39 -0.40
CA VAL A 16 2.45 -4.28 -0.88
C VAL A 16 2.56 -4.29 -2.40
N ALA A 17 3.04 -5.40 -2.95
CA ALA A 17 3.19 -5.54 -4.39
C ALA A 17 1.88 -5.23 -5.13
N ALA A 18 0.77 -5.50 -4.46
CA ALA A 18 -0.55 -5.26 -5.03
C ALA A 18 -0.99 -3.81 -4.81
N HIS A 19 -0.61 -3.27 -3.66
CA HIS A 19 -0.95 -1.89 -3.31
C HIS A 19 -0.09 -0.90 -4.10
N MET A 20 1.17 -1.28 -4.32
CA MET A 20 2.11 -0.43 -5.05
C MET A 20 1.49 0.15 -6.32
N THR A 21 0.53 -0.57 -6.90
CA THR A 21 -0.12 -0.12 -8.12
C THR A 21 -0.79 1.23 -7.93
N HIS A 22 -1.53 1.38 -6.84
CA HIS A 22 -2.23 2.63 -6.54
C HIS A 22 -1.48 3.45 -5.49
N CYS A 23 -0.23 3.09 -5.23
CA CYS A 23 0.55 3.79 -4.23
C CYS A 23 2.02 3.86 -4.65
N ALA A 24 2.26 3.92 -5.95
CA ALA A 24 3.62 3.99 -6.48
C ALA A 24 4.17 5.41 -6.39
N LYS A 25 5.30 5.65 -7.03
CA LYS A 25 5.93 6.96 -7.04
C LYS A 25 5.34 7.85 -8.14
ZN ZN B . -1.52 2.06 -0.45
N ARG A 1 8.54 -2.43 1.36
CA ARG A 1 7.52 -2.57 2.44
C ARG A 1 6.33 -1.64 2.21
N VAL A 2 5.13 -2.14 2.48
CA VAL A 2 3.92 -1.35 2.29
C VAL A 2 3.58 -0.57 3.56
N ILE A 3 4.56 0.21 4.04
CA ILE A 3 4.36 1.01 5.24
C ILE A 3 4.30 2.50 4.90
N ALA A 4 4.91 2.88 3.78
CA ALA A 4 4.92 4.27 3.35
C ALA A 4 3.50 4.80 3.14
N CYS A 5 2.60 3.89 2.76
CA CYS A 5 1.20 4.27 2.53
C CYS A 5 0.58 4.88 3.77
N PHE A 6 -0.52 5.61 3.60
CA PHE A 6 -1.21 6.24 4.72
C PHE A 6 -2.72 6.06 4.59
N LEU A 7 -3.13 4.95 3.99
CA LEU A 7 -4.55 4.67 3.80
C LEU A 7 -4.98 3.48 4.64
N LYS A 8 -6.28 3.37 4.90
CA LYS A 8 -6.82 2.27 5.69
C LYS A 8 -7.00 1.02 4.83
N VAL A 9 -7.61 1.20 3.67
CA VAL A 9 -7.85 0.08 2.76
C VAL A 9 -6.70 -0.05 1.75
N CYS A 10 -5.47 -0.06 2.27
CA CYS A 10 -4.30 -0.18 1.42
C CYS A 10 -3.11 -0.72 2.21
N ALA A 11 -2.64 0.05 3.17
CA ALA A 11 -1.51 -0.35 4.00
C ALA A 11 -1.93 -1.40 5.03
N ALA A 12 -3.19 -1.35 5.43
CA ALA A 12 -3.71 -2.29 6.41
C ALA A 12 -4.19 -3.59 5.76
N ALA A 13 -3.94 -3.72 4.45
CA ALA A 13 -4.34 -4.91 3.72
C ALA A 13 -3.22 -5.94 3.64
N ALA A 14 -2.07 -5.60 4.23
CA ALA A 14 -0.93 -6.50 4.21
C ALA A 14 -0.50 -6.83 2.78
N ASN A 15 -0.72 -5.90 1.88
CA ASN A 15 -0.36 -6.09 0.48
C ASN A 15 0.76 -5.14 0.05
N VAL A 16 1.67 -5.64 -0.77
CA VAL A 16 2.79 -4.83 -1.24
C VAL A 16 2.59 -4.42 -2.69
N ALA A 17 2.60 -5.40 -3.59
CA ALA A 17 2.42 -5.14 -5.01
C ALA A 17 1.08 -4.47 -5.28
N ALA A 18 0.03 -4.94 -4.61
CA ALA A 18 -1.30 -4.39 -4.78
C ALA A 18 -1.33 -2.91 -4.42
N HIS A 19 -0.47 -2.51 -3.48
CA HIS A 19 -0.38 -1.12 -3.05
C HIS A 19 0.31 -0.26 -4.11
N MET A 20 1.58 -0.56 -4.36
CA MET A 20 2.37 0.18 -5.35
C MET A 20 1.59 0.41 -6.64
N THR A 21 0.94 -0.63 -7.13
CA THR A 21 0.17 -0.53 -8.37
C THR A 21 -0.89 0.56 -8.26
N HIS A 22 -1.32 0.85 -7.04
CA HIS A 22 -2.33 1.87 -6.80
C HIS A 22 -1.75 3.03 -5.98
N CYS A 23 -0.46 2.98 -5.72
CA CYS A 23 0.19 4.01 -4.93
C CYS A 23 1.61 4.27 -5.45
N ALA A 24 1.71 5.12 -6.47
CA ALA A 24 3.00 5.47 -7.05
C ALA A 24 3.93 6.09 -6.02
N LYS A 25 5.23 6.07 -6.30
CA LYS A 25 6.21 6.64 -5.40
C LYS A 25 6.64 8.02 -5.87
ZN ZN B . -1.31 2.48 -0.80
N ARG A 1 7.65 -2.96 0.88
CA ARG A 1 7.20 -2.39 2.18
C ARG A 1 5.95 -1.55 2.00
N VAL A 2 4.81 -2.07 2.45
CA VAL A 2 3.55 -1.36 2.34
C VAL A 2 3.29 -0.52 3.60
N ILE A 3 4.27 0.28 3.99
CA ILE A 3 4.15 1.13 5.16
C ILE A 3 4.08 2.60 4.77
N ALA A 4 4.69 2.95 3.64
CA ALA A 4 4.69 4.32 3.15
C ALA A 4 3.27 4.85 2.98
N CYS A 5 2.34 3.95 2.66
CA CYS A 5 0.95 4.34 2.47
C CYS A 5 0.37 4.94 3.74
N PHE A 6 -0.67 5.75 3.58
CA PHE A 6 -1.31 6.40 4.72
C PHE A 6 -2.81 6.10 4.73
N LEU A 7 -3.18 4.93 4.24
CA LEU A 7 -4.58 4.52 4.20
C LEU A 7 -4.84 3.35 5.15
N LYS A 8 -6.10 3.09 5.43
CA LYS A 8 -6.48 1.99 6.32
C LYS A 8 -6.79 0.73 5.53
N VAL A 9 -7.30 0.90 4.31
CA VAL A 9 -7.64 -0.23 3.45
C VAL A 9 -6.48 -0.59 2.53
N CYS A 10 -5.68 0.40 2.18
CA CYS A 10 -4.54 0.19 1.29
C CYS A 10 -3.29 -0.19 2.10
N ALA A 11 -2.91 0.67 3.03
CA ALA A 11 -1.75 0.41 3.87
C ALA A 11 -1.89 -0.88 4.65
N ALA A 12 -3.00 -1.00 5.39
CA ALA A 12 -3.26 -2.18 6.19
C ALA A 12 -3.93 -3.28 5.37
N ALA A 13 -3.57 -3.39 4.09
CA ALA A 13 -4.14 -4.41 3.22
C ALA A 13 -3.26 -5.66 3.17
N ALA A 14 -2.15 -5.65 3.88
CA ALA A 14 -1.24 -6.78 3.90
C ALA A 14 -0.76 -7.14 2.50
N ASN A 15 -0.67 -6.13 1.64
CA ASN A 15 -0.22 -6.34 0.27
C ASN A 15 0.74 -5.24 -0.16
N VAL A 16 1.91 -5.65 -0.67
CA VAL A 16 2.91 -4.69 -1.12
C VAL A 16 2.73 -4.37 -2.60
N ALA A 17 2.64 -5.41 -3.42
CA ALA A 17 2.47 -5.23 -4.86
C ALA A 17 1.13 -4.57 -5.18
N ALA A 18 0.08 -5.04 -4.53
CA ALA A 18 -1.25 -4.49 -4.74
C ALA A 18 -1.30 -3.01 -4.42
N HIS A 19 -0.50 -2.60 -3.44
CA HIS A 19 -0.43 -1.20 -3.03
C HIS A 19 0.36 -0.38 -4.05
N MET A 20 1.63 -0.72 -4.22
CA MET A 20 2.51 -0.01 -5.16
C MET A 20 1.83 0.21 -6.51
N THR A 21 1.17 -0.82 -7.03
CA THR A 21 0.50 -0.73 -8.31
C THR A 21 -0.55 0.39 -8.30
N HIS A 22 -1.04 0.72 -7.11
CA HIS A 22 -2.04 1.77 -6.95
C HIS A 22 -1.49 2.94 -6.14
N CYS A 23 -0.21 2.85 -5.78
CA CYS A 23 0.41 3.87 -4.97
C CYS A 23 1.87 4.09 -5.39
N ALA A 24 2.06 4.88 -6.45
CA ALA A 24 3.40 5.17 -6.96
C ALA A 24 4.17 6.07 -5.99
N LYS A 25 5.49 6.08 -6.14
CA LYS A 25 6.34 6.90 -5.28
C LYS A 25 6.72 8.20 -5.98
ZN ZN B . -1.40 2.49 -0.93
N ARG A 1 7.86 -2.67 0.85
CA ARG A 1 7.22 -2.40 2.16
C ARG A 1 5.99 -1.50 2.01
N VAL A 2 4.83 -2.02 2.40
CA VAL A 2 3.59 -1.26 2.30
C VAL A 2 3.32 -0.47 3.58
N ILE A 3 4.33 0.29 4.02
CA ILE A 3 4.21 1.09 5.23
C ILE A 3 4.16 2.58 4.90
N ALA A 4 4.81 2.96 3.79
CA ALA A 4 4.83 4.35 3.37
C ALA A 4 3.43 4.89 3.15
N CYS A 5 2.51 4.02 2.73
CA CYS A 5 1.13 4.40 2.49
C CYS A 5 0.48 4.95 3.76
N PHE A 6 -0.62 5.67 3.60
CA PHE A 6 -1.33 6.24 4.73
C PHE A 6 -2.82 5.90 4.67
N LEU A 7 -3.13 4.71 4.16
CA LEU A 7 -4.51 4.28 4.04
C LEU A 7 -4.71 2.92 4.71
N LYS A 8 -5.91 2.69 5.24
CA LYS A 8 -6.22 1.44 5.92
C LYS A 8 -6.40 0.31 4.90
N VAL A 9 -7.36 0.47 4.00
CA VAL A 9 -7.62 -0.54 2.98
C VAL A 9 -6.39 -0.78 2.11
N CYS A 10 -5.51 0.21 2.04
CA CYS A 10 -4.29 0.10 1.24
C CYS A 10 -3.12 -0.36 2.10
N ALA A 11 -2.70 0.49 3.03
CA ALA A 11 -1.58 0.16 3.91
C ALA A 11 -1.94 -0.95 4.88
N ALA A 12 -3.13 -0.85 5.47
CA ALA A 12 -3.60 -1.84 6.43
C ALA A 12 -4.28 -3.03 5.73
N ALA A 13 -3.78 -3.39 4.55
CA ALA A 13 -4.36 -4.50 3.79
C ALA A 13 -3.37 -5.65 3.66
N ALA A 14 -2.18 -5.49 4.23
CA ALA A 14 -1.15 -6.53 4.16
C ALA A 14 -0.79 -6.85 2.73
N ASN A 15 -0.87 -5.85 1.85
CA ASN A 15 -0.54 -6.03 0.45
C ASN A 15 0.56 -5.06 0.02
N VAL A 16 1.58 -5.60 -0.64
CA VAL A 16 2.69 -4.79 -1.12
C VAL A 16 2.53 -4.42 -2.58
N ALA A 17 2.52 -5.43 -3.45
CA ALA A 17 2.38 -5.21 -4.88
C ALA A 17 1.05 -4.51 -5.19
N ALA A 18 -0.01 -4.94 -4.53
CA ALA A 18 -1.33 -4.36 -4.73
C ALA A 18 -1.32 -2.87 -4.42
N HIS A 19 -0.47 -2.47 -3.47
CA HIS A 19 -0.38 -1.07 -3.07
C HIS A 19 0.39 -0.27 -4.13
N MET A 20 1.65 -0.61 -4.34
CA MET A 20 2.50 0.08 -5.31
C MET A 20 1.78 0.29 -6.64
N THR A 21 1.10 -0.75 -7.12
CA THR A 21 0.38 -0.67 -8.38
C THR A 21 -0.64 0.45 -8.35
N HIS A 22 -1.10 0.82 -7.16
CA HIS A 22 -2.08 1.87 -6.98
C HIS A 22 -1.49 3.04 -6.19
N CYS A 23 -0.21 2.95 -5.87
CA CYS A 23 0.45 3.98 -5.09
C CYS A 23 1.89 4.18 -5.57
N ALA A 24 2.10 4.03 -6.86
CA ALA A 24 3.43 4.20 -7.45
C ALA A 24 3.98 5.60 -7.17
N LYS A 25 5.25 5.79 -7.50
CA LYS A 25 5.90 7.08 -7.29
C LYS A 25 6.51 7.61 -8.59
ZN ZN B . -1.26 2.63 -0.98
N ARG A 1 7.66 -3.09 1.09
CA ARG A 1 7.08 -2.73 2.41
C ARG A 1 5.97 -1.70 2.25
N VAL A 2 4.72 -2.15 2.44
CA VAL A 2 3.57 -1.28 2.33
C VAL A 2 3.33 -0.49 3.61
N ILE A 3 4.35 0.29 4.01
CA ILE A 3 4.26 1.09 5.23
C ILE A 3 4.20 2.59 4.89
N ALA A 4 4.83 2.96 3.78
CA ALA A 4 4.85 4.36 3.36
C ALA A 4 3.44 4.88 3.13
N CYS A 5 2.54 4.00 2.72
CA CYS A 5 1.16 4.38 2.47
C CYS A 5 0.50 4.95 3.73
N PHE A 6 -0.58 5.70 3.54
CA PHE A 6 -1.28 6.31 4.66
C PHE A 6 -2.77 5.98 4.60
N LEU A 7 -3.09 4.81 4.07
CA LEU A 7 -4.48 4.38 3.95
C LEU A 7 -4.71 3.06 4.68
N LYS A 8 -5.91 2.87 5.20
CA LYS A 8 -6.25 1.65 5.92
C LYS A 8 -6.42 0.48 4.96
N VAL A 9 -7.41 0.58 4.08
CA VAL A 9 -7.68 -0.48 3.11
C VAL A 9 -6.45 -0.76 2.24
N CYS A 10 -5.55 0.21 2.16
CA CYS A 10 -4.34 0.06 1.36
C CYS A 10 -3.17 -0.40 2.22
N ALA A 11 -2.72 0.45 3.13
CA ALA A 11 -1.60 0.14 4.01
C ALA A 11 -1.95 -1.01 4.94
N ALA A 12 -3.17 -1.00 5.47
CA ALA A 12 -3.62 -2.05 6.39
C ALA A 12 -4.16 -3.27 5.65
N ALA A 13 -3.87 -3.36 4.36
CA ALA A 13 -4.34 -4.49 3.55
C ALA A 13 -3.28 -5.59 3.46
N ALA A 14 -2.12 -5.36 4.07
CA ALA A 14 -1.04 -6.33 4.05
C ALA A 14 -0.64 -6.69 2.62
N ASN A 15 -0.80 -5.74 1.72
CA ASN A 15 -0.47 -5.95 0.31
C ASN A 15 0.64 -4.98 -0.13
N VAL A 16 1.73 -5.54 -0.63
CA VAL A 16 2.86 -4.73 -1.08
C VAL A 16 2.71 -4.37 -2.56
N ALA A 17 2.64 -5.39 -3.40
CA ALA A 17 2.50 -5.19 -4.85
C ALA A 17 1.16 -4.53 -5.17
N ALA A 18 0.11 -4.98 -4.51
CA ALA A 18 -1.23 -4.42 -4.73
C ALA A 18 -1.26 -2.94 -4.42
N HIS A 19 -0.42 -2.51 -3.47
CA HIS A 19 -0.36 -1.11 -3.08
C HIS A 19 0.36 -0.28 -4.14
N MET A 20 1.64 -0.59 -4.36
CA MET A 20 2.45 0.12 -5.34
C MET A 20 1.71 0.32 -6.65
N THR A 21 1.05 -0.74 -7.14
CA THR A 21 0.31 -0.67 -8.39
C THR A 21 -0.76 0.44 -8.34
N HIS A 22 -1.21 0.75 -7.12
CA HIS A 22 -2.22 1.78 -6.92
C HIS A 22 -1.65 2.96 -6.14
N CYS A 23 -0.37 2.91 -5.84
CA CYS A 23 0.28 3.96 -5.08
C CYS A 23 1.70 4.21 -5.58
N ALA A 24 1.82 5.00 -6.64
CA ALA A 24 3.11 5.32 -7.22
C ALA A 24 3.95 6.17 -6.27
N LYS A 25 5.21 6.38 -6.62
CA LYS A 25 6.11 7.19 -5.81
C LYS A 25 6.85 8.22 -6.65
ZN ZN B . -1.30 2.57 -0.93
N ARG A 1 7.77 -2.32 0.71
CA ARG A 1 6.99 -2.39 1.97
C ARG A 1 5.72 -1.55 1.88
N VAL A 2 4.61 -2.10 2.34
CA VAL A 2 3.33 -1.40 2.31
C VAL A 2 3.07 -0.67 3.62
N ILE A 3 4.08 0.03 4.10
CA ILE A 3 3.96 0.78 5.36
C ILE A 3 3.97 2.29 5.11
N ALA A 4 4.69 2.70 4.06
CA ALA A 4 4.79 4.12 3.72
C ALA A 4 3.41 4.72 3.43
N CYS A 5 2.50 3.87 2.94
CA CYS A 5 1.15 4.32 2.62
C CYS A 5 0.46 4.88 3.85
N PHE A 6 -0.59 5.67 3.62
CA PHE A 6 -1.34 6.27 4.72
C PHE A 6 -2.84 6.06 4.53
N LEU A 7 -3.21 4.93 3.96
CA LEU A 7 -4.61 4.61 3.71
C LEU A 7 -5.02 3.38 4.51
N LYS A 8 -6.31 3.32 4.86
CA LYS A 8 -6.84 2.18 5.62
C LYS A 8 -6.84 0.91 4.78
N VAL A 9 -7.53 0.97 3.65
CA VAL A 9 -7.61 -0.18 2.75
C VAL A 9 -6.47 -0.17 1.73
N CYS A 10 -5.25 -0.02 2.22
CA CYS A 10 -4.07 0.01 1.34
C CYS A 10 -2.81 -0.35 2.12
N ALA A 11 -2.54 0.42 3.18
CA ALA A 11 -1.36 0.18 4.01
C ALA A 11 -1.55 -1.04 4.89
N ALA A 12 -2.65 -1.06 5.65
CA ALA A 12 -2.95 -2.17 6.54
C ALA A 12 -3.68 -3.30 5.82
N ALA A 13 -3.32 -3.53 4.55
CA ALA A 13 -3.95 -4.58 3.77
C ALA A 13 -3.04 -5.79 3.62
N ALA A 14 -1.85 -5.71 4.21
CA ALA A 14 -0.89 -6.81 4.14
C ALA A 14 -0.52 -7.13 2.69
N ASN A 15 -0.54 -6.10 1.85
CA ASN A 15 -0.20 -6.26 0.44
C ASN A 15 0.78 -5.19 -0.02
N VAL A 16 1.81 -5.61 -0.74
CA VAL A 16 2.82 -4.69 -1.24
C VAL A 16 2.58 -4.34 -2.71
N ALA A 17 2.43 -5.38 -3.53
CA ALA A 17 2.20 -5.20 -4.95
C ALA A 17 0.87 -4.50 -5.21
N ALA A 18 -0.17 -4.94 -4.52
CA ALA A 18 -1.49 -4.35 -4.67
C ALA A 18 -1.47 -2.86 -4.35
N HIS A 19 -0.62 -2.47 -3.41
CA HIS A 19 -0.49 -1.08 -3.02
C HIS A 19 0.28 -0.28 -4.07
N MET A 20 1.53 -0.66 -4.29
CA MET A 20 2.39 0.02 -5.27
C MET A 20 1.66 0.25 -6.59
N THR A 21 0.96 -0.77 -7.07
CA THR A 21 0.23 -0.66 -8.33
C THR A 21 -0.77 0.50 -8.29
N HIS A 22 -1.20 0.86 -7.09
CA HIS A 22 -2.15 1.95 -6.90
C HIS A 22 -1.52 3.10 -6.10
N CYS A 23 -0.24 2.96 -5.79
CA CYS A 23 0.46 3.96 -5.01
C CYS A 23 1.90 4.11 -5.49
N ALA A 24 2.11 3.89 -6.78
CA ALA A 24 3.45 4.00 -7.37
C ALA A 24 4.03 5.40 -7.16
N LYS A 25 5.35 5.49 -7.11
CA LYS A 25 6.02 6.77 -6.92
C LYS A 25 7.03 7.03 -8.04
ZN ZN B . -1.28 2.66 -0.91
N ARG A 1 9.14 -1.71 1.51
CA ARG A 1 8.03 -2.27 2.31
C ARG A 1 6.73 -1.48 2.10
N VAL A 2 5.61 -2.10 2.44
CA VAL A 2 4.31 -1.45 2.28
C VAL A 2 3.89 -0.75 3.57
N ILE A 3 4.82 0.04 4.13
CA ILE A 3 4.54 0.77 5.36
C ILE A 3 4.73 2.27 5.15
N ALA A 4 4.47 2.73 3.94
CA ALA A 4 4.60 4.14 3.60
C ALA A 4 3.23 4.77 3.33
N CYS A 5 2.30 3.98 2.82
CA CYS A 5 0.97 4.47 2.52
C CYS A 5 0.28 5.00 3.77
N PHE A 6 -0.78 5.77 3.58
CA PHE A 6 -1.53 6.34 4.70
C PHE A 6 -3.00 5.98 4.62
N LEU A 7 -3.28 4.77 4.14
CA LEU A 7 -4.66 4.29 4.00
C LEU A 7 -4.83 2.94 4.67
N LYS A 8 -6.03 2.68 5.18
CA LYS A 8 -6.33 1.42 5.86
C LYS A 8 -6.45 0.28 4.85
N VAL A 9 -7.38 0.44 3.91
CA VAL A 9 -7.60 -0.58 2.88
C VAL A 9 -6.36 -0.74 2.00
N CYS A 10 -5.54 0.29 1.93
CA CYS A 10 -4.32 0.26 1.12
C CYS A 10 -3.13 -0.20 1.95
N ALA A 11 -2.79 0.58 2.97
CA ALA A 11 -1.66 0.25 3.84
C ALA A 11 -2.00 -0.89 4.79
N ALA A 12 -3.18 -0.82 5.39
CA ALA A 12 -3.63 -1.85 6.32
C ALA A 12 -4.29 -3.02 5.61
N ALA A 13 -3.80 -3.35 4.41
CA ALA A 13 -4.35 -4.46 3.64
C ALA A 13 -3.38 -5.63 3.54
N ALA A 14 -2.20 -5.47 4.15
CA ALA A 14 -1.19 -6.52 4.13
C ALA A 14 -0.81 -6.89 2.71
N ASN A 15 -0.88 -5.92 1.80
CA ASN A 15 -0.55 -6.13 0.40
C ASN A 15 0.42 -5.07 -0.10
N VAL A 16 1.57 -5.51 -0.60
CA VAL A 16 2.58 -4.59 -1.11
C VAL A 16 2.36 -4.30 -2.60
N ALA A 17 2.29 -5.36 -3.40
CA ALA A 17 2.08 -5.22 -4.83
C ALA A 17 0.76 -4.51 -5.13
N ALA A 18 -0.29 -4.92 -4.43
CA ALA A 18 -1.61 -4.32 -4.62
C ALA A 18 -1.57 -2.82 -4.36
N HIS A 19 -0.75 -2.40 -3.40
CA HIS A 19 -0.61 -1.00 -3.05
C HIS A 19 0.22 -0.26 -4.10
N MET A 20 1.46 -0.67 -4.28
CA MET A 20 2.36 -0.05 -5.25
C MET A 20 1.69 0.15 -6.60
N THR A 21 0.99 -0.87 -7.07
CA THR A 21 0.29 -0.79 -8.36
C THR A 21 -0.68 0.38 -8.38
N HIS A 22 -1.14 0.80 -7.21
CA HIS A 22 -2.08 1.91 -7.09
C HIS A 22 -1.45 3.07 -6.32
N CYS A 23 -0.19 2.93 -5.96
CA CYS A 23 0.51 3.95 -5.20
C CYS A 23 1.96 4.06 -5.65
N ALA A 24 2.21 3.82 -6.93
CA ALA A 24 3.56 3.90 -7.48
C ALA A 24 4.15 5.29 -7.28
N LYS A 25 5.47 5.35 -7.19
CA LYS A 25 6.17 6.63 -7.01
C LYS A 25 7.21 6.84 -8.10
ZN ZN B . -1.37 2.83 -1.10
N ARG A 1 8.36 -2.80 1.10
CA ARG A 1 7.75 -2.44 2.41
C ARG A 1 6.49 -1.61 2.22
N VAL A 2 5.34 -2.19 2.56
CA VAL A 2 4.07 -1.50 2.44
C VAL A 2 3.70 -0.76 3.73
N ILE A 3 4.65 0.00 4.26
CA ILE A 3 4.44 0.76 5.49
C ILE A 3 4.63 2.24 5.26
N ALA A 4 4.37 2.70 4.03
CA ALA A 4 4.52 4.10 3.69
C ALA A 4 3.17 4.75 3.40
N CYS A 5 2.23 3.95 2.90
CA CYS A 5 0.90 4.44 2.58
C CYS A 5 0.22 5.02 3.82
N PHE A 6 -0.82 5.82 3.60
CA PHE A 6 -1.56 6.45 4.69
C PHE A 6 -3.05 6.19 4.56
N LEU A 7 -3.41 5.04 3.99
CA LEU A 7 -4.81 4.68 3.79
C LEU A 7 -5.15 3.41 4.56
N LYS A 8 -6.43 3.27 4.91
CA LYS A 8 -6.89 2.09 5.64
C LYS A 8 -6.84 0.84 4.75
N VAL A 9 -7.59 0.88 3.65
CA VAL A 9 -7.63 -0.25 2.73
C VAL A 9 -6.53 -0.14 1.68
N CYS A 10 -5.29 -0.01 2.15
CA CYS A 10 -4.15 0.11 1.25
C CYS A 10 -2.84 -0.17 1.99
N ALA A 11 -2.64 0.53 3.10
CA ALA A 11 -1.43 0.35 3.90
C ALA A 11 -1.49 -0.94 4.70
N ALA A 12 -2.50 -1.06 5.57
CA ALA A 12 -2.68 -2.24 6.40
C ALA A 12 -3.45 -3.33 5.66
N ALA A 13 -3.25 -3.45 4.36
CA ALA A 13 -3.93 -4.45 3.56
C ALA A 13 -3.09 -5.71 3.41
N ALA A 14 -1.89 -5.72 3.99
CA ALA A 14 -1.00 -6.85 3.91
C ALA A 14 -0.67 -7.20 2.46
N ASN A 15 -0.65 -6.19 1.60
CA ASN A 15 -0.36 -6.38 0.19
C ASN A 15 0.49 -5.23 -0.35
N VAL A 16 1.76 -5.52 -0.63
CA VAL A 16 2.67 -4.51 -1.16
C VAL A 16 2.40 -4.24 -2.63
N ALA A 17 2.29 -5.31 -3.41
CA ALA A 17 2.04 -5.19 -4.85
C ALA A 17 0.71 -4.49 -5.10
N ALA A 18 -0.33 -4.92 -4.40
CA ALA A 18 -1.66 -4.33 -4.56
C ALA A 18 -1.63 -2.84 -4.29
N HIS A 19 -0.82 -2.43 -3.32
CA HIS A 19 -0.69 -1.03 -2.96
C HIS A 19 0.13 -0.28 -4.01
N MET A 20 1.38 -0.69 -4.19
CA MET A 20 2.28 -0.06 -5.15
C MET A 20 1.60 0.15 -6.50
N THR A 21 0.90 -0.87 -6.99
CA THR A 21 0.20 -0.79 -8.27
C THR A 21 -0.76 0.39 -8.29
N HIS A 22 -1.22 0.80 -7.12
CA HIS A 22 -2.15 1.91 -6.99
C HIS A 22 -1.53 3.07 -6.21
N CYS A 23 -0.27 2.93 -5.85
CA CYS A 23 0.43 3.94 -5.09
C CYS A 23 1.88 4.06 -5.52
N ALA A 24 2.13 3.79 -6.79
CA ALA A 24 3.49 3.87 -7.34
C ALA A 24 4.06 5.27 -7.19
N LYS A 25 5.34 5.42 -7.49
CA LYS A 25 6.02 6.71 -7.40
C LYS A 25 5.74 7.56 -8.63
ZN ZN B . -1.46 2.79 -0.99
N ARG A 1 8.91 -1.25 1.28
CA ARG A 1 7.87 -1.93 2.11
C ARG A 1 6.52 -1.26 1.95
N VAL A 2 5.47 -1.92 2.44
CA VAL A 2 4.11 -1.39 2.36
C VAL A 2 3.73 -0.67 3.65
N ILE A 3 4.68 0.09 4.21
CA ILE A 3 4.43 0.83 5.44
C ILE A 3 4.65 2.32 5.22
N ALA A 4 4.40 2.79 4.00
CA ALA A 4 4.56 4.19 3.67
C ALA A 4 3.20 4.84 3.37
N CYS A 5 2.27 4.05 2.86
CA CYS A 5 0.94 4.56 2.53
C CYS A 5 0.26 5.14 3.76
N PHE A 6 -0.76 5.96 3.54
CA PHE A 6 -1.50 6.58 4.64
C PHE A 6 -2.97 6.18 4.60
N LEU A 7 -3.23 4.95 4.18
CA LEU A 7 -4.60 4.45 4.11
C LEU A 7 -4.71 3.07 4.73
N LYS A 8 -5.85 2.80 5.37
CA LYS A 8 -6.07 1.52 6.02
C LYS A 8 -6.29 0.42 4.98
N VAL A 9 -7.29 0.61 4.13
CA VAL A 9 -7.61 -0.37 3.09
C VAL A 9 -6.42 -0.58 2.17
N CYS A 10 -5.58 0.43 2.03
CA CYS A 10 -4.40 0.36 1.17
C CYS A 10 -3.19 -0.15 1.94
N ALA A 11 -2.73 0.64 2.90
CA ALA A 11 -1.58 0.28 3.71
C ALA A 11 -1.86 -0.97 4.54
N ALA A 12 -3.02 -0.99 5.20
CA ALA A 12 -3.42 -2.12 6.03
C ALA A 12 -4.11 -3.21 5.21
N ALA A 13 -3.66 -3.40 3.97
CA ALA A 13 -4.24 -4.42 3.09
C ALA A 13 -3.39 -5.69 3.07
N ALA A 14 -2.28 -5.68 3.80
CA ALA A 14 -1.40 -6.84 3.86
C ALA A 14 -0.93 -7.25 2.46
N ASN A 15 -0.83 -6.28 1.57
CA ASN A 15 -0.40 -6.54 0.20
C ASN A 15 0.41 -5.38 -0.36
N VAL A 16 1.72 -5.60 -0.48
CA VAL A 16 2.61 -4.56 -1.00
C VAL A 16 2.35 -4.30 -2.48
N ALA A 17 2.27 -5.37 -3.25
CA ALA A 17 2.03 -5.27 -4.68
C ALA A 17 0.71 -4.56 -4.97
N ALA A 18 -0.33 -4.96 -4.25
CA ALA A 18 -1.66 -4.37 -4.42
C ALA A 18 -1.60 -2.85 -4.19
N HIS A 19 -0.80 -2.44 -3.23
CA HIS A 19 -0.65 -1.02 -2.91
C HIS A 19 0.19 -0.31 -3.97
N MET A 20 1.43 -0.75 -4.12
CA MET A 20 2.35 -0.16 -5.10
C MET A 20 1.69 0.02 -6.46
N THR A 21 0.97 -1.00 -6.92
CA THR A 21 0.30 -0.94 -8.21
C THR A 21 -0.66 0.24 -8.27
N HIS A 22 -1.12 0.70 -7.11
CA HIS A 22 -2.03 1.83 -7.03
C HIS A 22 -1.40 2.99 -6.27
N CYS A 23 -0.14 2.84 -5.91
CA CYS A 23 0.56 3.87 -5.16
C CYS A 23 2.02 3.96 -5.58
N ALA A 24 2.27 3.65 -6.85
CA ALA A 24 3.64 3.69 -7.38
C ALA A 24 4.22 5.10 -7.26
N LYS A 25 5.53 5.21 -7.50
CA LYS A 25 6.22 6.49 -7.42
C LYS A 25 5.80 7.39 -8.58
ZN ZN B . -1.39 2.86 -1.06
N ARG A 1 8.74 -1.97 0.96
CA ARG A 1 7.94 -2.04 2.20
C ARG A 1 6.59 -1.33 2.04
N VAL A 2 5.53 -1.97 2.49
CA VAL A 2 4.19 -1.41 2.39
C VAL A 2 3.82 -0.67 3.67
N ILE A 3 4.73 0.16 4.16
CA ILE A 3 4.50 0.94 5.37
C ILE A 3 4.69 2.43 5.12
N ALA A 4 4.41 2.86 3.89
CA ALA A 4 4.55 4.27 3.52
C ALA A 4 3.19 4.91 3.26
N CYS A 5 2.24 4.10 2.79
CA CYS A 5 0.90 4.60 2.50
C CYS A 5 0.26 5.20 3.74
N PHE A 6 -0.77 6.02 3.53
CA PHE A 6 -1.47 6.67 4.64
C PHE A 6 -2.94 6.28 4.65
N LEU A 7 -3.22 5.04 4.28
CA LEU A 7 -4.59 4.54 4.25
C LEU A 7 -4.70 3.21 4.96
N LYS A 8 -5.93 2.80 5.28
CA LYS A 8 -6.17 1.54 5.96
C LYS A 8 -6.34 0.41 4.95
N VAL A 9 -7.35 0.54 4.09
CA VAL A 9 -7.63 -0.46 3.07
C VAL A 9 -6.43 -0.66 2.15
N CYS A 10 -5.62 0.38 2.00
CA CYS A 10 -4.45 0.33 1.13
C CYS A 10 -3.22 -0.17 1.91
N ALA A 11 -2.79 0.63 2.88
CA ALA A 11 -1.64 0.27 3.70
C ALA A 11 -1.90 -0.98 4.52
N ALA A 12 -3.06 -1.02 5.17
CA ALA A 12 -3.44 -2.17 6.00
C ALA A 12 -4.11 -3.27 5.16
N ALA A 13 -3.66 -3.44 3.92
CA ALA A 13 -4.23 -4.45 3.04
C ALA A 13 -3.39 -5.73 3.05
N ALA A 14 -2.30 -5.72 3.80
CA ALA A 14 -1.42 -6.88 3.89
C ALA A 14 -0.91 -7.29 2.51
N ASN A 15 -0.77 -6.32 1.62
CA ASN A 15 -0.30 -6.58 0.26
C ASN A 15 0.49 -5.38 -0.28
N VAL A 16 1.79 -5.57 -0.47
CA VAL A 16 2.64 -4.51 -0.98
C VAL A 16 2.39 -4.26 -2.46
N ALA A 17 2.27 -5.34 -3.22
CA ALA A 17 2.03 -5.24 -4.65
C ALA A 17 0.71 -4.53 -4.94
N ALA A 18 -0.35 -4.94 -4.23
CA ALA A 18 -1.67 -4.35 -4.41
C ALA A 18 -1.62 -2.84 -4.17
N HIS A 19 -0.81 -2.42 -3.20
CA HIS A 19 -0.67 -1.01 -2.88
C HIS A 19 0.18 -0.30 -3.94
N MET A 20 1.42 -0.73 -4.09
CA MET A 20 2.35 -0.14 -5.05
C MET A 20 1.69 0.04 -6.42
N THR A 21 0.98 -0.99 -6.88
CA THR A 21 0.31 -0.93 -8.18
C THR A 21 -0.65 0.26 -8.25
N HIS A 22 -1.11 0.71 -7.10
CA HIS A 22 -2.02 1.85 -7.02
C HIS A 22 -1.40 3.02 -6.27
N CYS A 23 -0.14 2.86 -5.87
CA CYS A 23 0.55 3.89 -5.12
C CYS A 23 2.02 3.97 -5.53
N ALA A 24 2.28 4.69 -6.62
CA ALA A 24 3.65 4.84 -7.12
C ALA A 24 4.32 6.05 -6.50
N LYS A 25 5.62 6.18 -6.72
CA LYS A 25 6.39 7.29 -6.18
C LYS A 25 7.47 7.74 -7.15
ZN ZN B . -1.43 2.87 -1.04
N ARG A 1 8.72 -1.87 1.09
CA ARG A 1 7.86 -2.07 2.28
C ARG A 1 6.52 -1.35 2.13
N VAL A 2 5.45 -2.01 2.56
CA VAL A 2 4.12 -1.43 2.46
C VAL A 2 3.73 -0.74 3.77
N ILE A 3 4.59 0.15 4.25
CA ILE A 3 4.35 0.87 5.49
C ILE A 3 4.56 2.37 5.30
N ALA A 4 4.33 2.85 4.08
CA ALA A 4 4.50 4.26 3.77
C ALA A 4 3.16 4.91 3.45
N CYS A 5 2.24 4.13 2.89
CA CYS A 5 0.92 4.64 2.54
C CYS A 5 0.20 5.19 3.76
N PHE A 6 -0.78 6.06 3.52
CA PHE A 6 -1.54 6.67 4.61
C PHE A 6 -3.01 6.24 4.54
N LEU A 7 -3.23 5.01 4.09
CA LEU A 7 -4.59 4.48 3.99
C LEU A 7 -4.69 3.11 4.67
N LYS A 8 -5.81 2.86 5.32
CA LYS A 8 -6.04 1.59 6.01
C LYS A 8 -6.22 0.45 5.00
N VAL A 9 -7.21 0.59 4.13
CA VAL A 9 -7.49 -0.43 3.13
C VAL A 9 -6.30 -0.61 2.19
N CYS A 10 -5.51 0.45 2.02
CA CYS A 10 -4.35 0.40 1.15
C CYS A 10 -3.12 -0.09 1.90
N ALA A 11 -2.69 0.66 2.90
CA ALA A 11 -1.53 0.30 3.70
C ALA A 11 -1.79 -0.98 4.49
N ALA A 12 -2.94 -1.02 5.16
CA ALA A 12 -3.30 -2.18 5.97
C ALA A 12 -3.99 -3.26 5.13
N ALA A 13 -3.56 -3.41 3.88
CA ALA A 13 -4.15 -4.40 2.99
C ALA A 13 -3.34 -5.71 2.99
N ALA A 14 -2.26 -5.73 3.75
CA ALA A 14 -1.41 -6.92 3.84
C ALA A 14 -0.91 -7.33 2.46
N ASN A 15 -0.74 -6.35 1.57
CA ASN A 15 -0.26 -6.63 0.22
C ASN A 15 0.48 -5.42 -0.34
N VAL A 16 1.80 -5.55 -0.47
CA VAL A 16 2.63 -4.47 -1.00
C VAL A 16 2.35 -4.24 -2.48
N ALA A 17 2.23 -5.32 -3.24
CA ALA A 17 1.97 -5.25 -4.66
C ALA A 17 0.65 -4.54 -4.93
N ALA A 18 -0.38 -4.93 -4.19
CA ALA A 18 -1.71 -4.33 -4.36
C ALA A 18 -1.66 -2.82 -4.15
N HIS A 19 -0.84 -2.39 -3.20
CA HIS A 19 -0.70 -0.97 -2.90
C HIS A 19 0.15 -0.28 -3.97
N MET A 20 1.39 -0.74 -4.13
CA MET A 20 2.30 -0.16 -5.11
C MET A 20 1.64 0.00 -6.48
N THR A 21 0.91 -1.01 -6.91
CA THR A 21 0.23 -0.97 -8.21
C THR A 21 -0.72 0.22 -8.28
N HIS A 22 -1.16 0.70 -7.12
CA HIS A 22 -2.08 1.83 -7.06
C HIS A 22 -1.43 3.01 -6.32
N CYS A 23 -0.17 2.85 -5.95
CA CYS A 23 0.54 3.88 -5.22
C CYS A 23 2.00 3.95 -5.65
N ALA A 24 2.26 4.65 -6.76
CA ALA A 24 3.62 4.78 -7.27
C ALA A 24 4.46 5.67 -6.37
N LYS A 25 5.72 5.85 -6.74
CA LYS A 25 6.64 6.68 -5.95
C LYS A 25 7.39 7.65 -6.86
ZN ZN B . -1.40 2.96 -1.10
N ARG A 1 8.05 -1.63 1.35
CA ARG A 1 6.96 -2.21 2.17
C ARG A 1 5.66 -1.43 1.99
N VAL A 2 4.57 -1.97 2.51
CA VAL A 2 3.26 -1.32 2.41
C VAL A 2 2.96 -0.52 3.68
N ILE A 3 3.96 0.20 4.17
CA ILE A 3 3.80 1.01 5.37
C ILE A 3 3.83 2.50 5.04
N ALA A 4 4.56 2.86 3.98
CA ALA A 4 4.67 4.24 3.55
C ALA A 4 3.31 4.84 3.24
N CYS A 5 2.38 3.98 2.84
CA CYS A 5 1.03 4.43 2.50
C CYS A 5 0.38 5.14 3.69
N PHE A 6 -0.67 5.92 3.41
CA PHE A 6 -1.38 6.66 4.44
C PHE A 6 -2.78 6.10 4.67
N LEU A 7 -3.29 5.35 3.69
CA LEU A 7 -4.62 4.78 3.79
C LEU A 7 -4.57 3.44 4.53
N LYS A 8 -5.53 3.24 5.43
CA LYS A 8 -5.60 2.02 6.21
C LYS A 8 -5.97 0.82 5.32
N VAL A 9 -7.04 0.96 4.56
CA VAL A 9 -7.50 -0.09 3.67
C VAL A 9 -6.42 -0.46 2.65
N CYS A 10 -5.57 0.50 2.33
CA CYS A 10 -4.49 0.28 1.37
C CYS A 10 -3.24 -0.23 2.08
N ALA A 11 -2.75 0.54 3.04
CA ALA A 11 -1.55 0.17 3.79
C ALA A 11 -1.77 -1.14 4.56
N ALA A 12 -2.91 -1.23 5.24
CA ALA A 12 -3.24 -2.42 6.01
C ALA A 12 -3.92 -3.49 5.16
N ALA A 13 -3.50 -3.60 3.90
CA ALA A 13 -4.06 -4.58 2.98
C ALA A 13 -3.21 -5.84 2.93
N ALA A 14 -2.10 -5.85 3.66
CA ALA A 14 -1.20 -7.00 3.69
C ALA A 14 -0.74 -7.38 2.28
N ASN A 15 -0.64 -6.38 1.41
CA ASN A 15 -0.20 -6.61 0.03
C ASN A 15 0.64 -5.44 -0.47
N VAL A 16 1.94 -5.67 -0.60
CA VAL A 16 2.86 -4.65 -1.07
C VAL A 16 2.64 -4.35 -2.55
N ALA A 17 2.49 -5.41 -3.35
CA ALA A 17 2.27 -5.26 -4.77
C ALA A 17 0.94 -4.57 -5.06
N ALA A 18 -0.11 -5.03 -4.38
CA ALA A 18 -1.44 -4.46 -4.55
C ALA A 18 -1.44 -2.97 -4.26
N HIS A 19 -0.62 -2.55 -3.29
CA HIS A 19 -0.53 -1.14 -2.92
C HIS A 19 0.28 -0.37 -3.96
N MET A 20 1.54 -0.76 -4.13
CA MET A 20 2.44 -0.09 -5.09
C MET A 20 1.75 0.13 -6.44
N THR A 21 1.07 -0.90 -6.93
CA THR A 21 0.37 -0.82 -8.21
C THR A 21 -0.63 0.33 -8.22
N HIS A 22 -1.11 0.71 -7.03
CA HIS A 22 -2.07 1.78 -6.90
C HIS A 22 -1.48 2.95 -6.11
N CYS A 23 -0.21 2.83 -5.76
CA CYS A 23 0.46 3.86 -4.98
C CYS A 23 1.91 4.02 -5.42
N ALA A 24 2.12 4.79 -6.48
CA ALA A 24 3.46 5.02 -7.00
C ALA A 24 4.32 5.76 -5.99
N LYS A 25 5.60 5.94 -6.32
CA LYS A 25 6.52 6.64 -5.44
C LYS A 25 7.41 7.60 -6.22
ZN ZN B . -1.38 2.62 -0.89
N ARG A 1 9.04 -1.56 0.99
CA ARG A 1 8.08 -2.04 2.02
C ARG A 1 6.71 -1.38 1.84
N VAL A 2 5.67 -2.03 2.36
CA VAL A 2 4.32 -1.50 2.25
C VAL A 2 3.93 -0.74 3.51
N ILE A 3 4.87 0.05 4.02
CA ILE A 3 4.62 0.84 5.23
C ILE A 3 4.81 2.34 4.95
N ALA A 4 4.44 2.75 3.74
CA ALA A 4 4.56 4.16 3.35
C ALA A 4 3.26 4.68 2.76
N CYS A 5 2.14 4.13 3.22
CA CYS A 5 0.82 4.53 2.74
C CYS A 5 0.01 5.15 3.87
N PHE A 6 -0.80 6.15 3.54
CA PHE A 6 -1.64 6.83 4.52
C PHE A 6 -3.09 6.38 4.39
N LEU A 7 -3.29 5.12 4.04
CA LEU A 7 -4.63 4.57 3.88
C LEU A 7 -4.78 3.25 4.64
N LYS A 8 -5.95 3.03 5.23
CA LYS A 8 -6.21 1.82 5.99
C LYS A 8 -6.42 0.64 5.05
N VAL A 9 -7.43 0.72 4.21
CA VAL A 9 -7.74 -0.34 3.26
C VAL A 9 -6.55 -0.61 2.33
N CYS A 10 -5.70 0.40 2.14
CA CYS A 10 -4.54 0.26 1.28
C CYS A 10 -3.34 -0.27 2.06
N ALA A 11 -2.86 0.53 3.00
CA ALA A 11 -1.71 0.15 3.82
C ALA A 11 -2.02 -1.09 4.64
N ALA A 12 -3.20 -1.11 5.26
CA ALA A 12 -3.61 -2.25 6.07
C ALA A 12 -4.27 -3.34 5.23
N ALA A 13 -3.77 -3.54 4.02
CA ALA A 13 -4.32 -4.56 3.12
C ALA A 13 -3.43 -5.80 3.09
N ALA A 14 -2.31 -5.75 3.81
CA ALA A 14 -1.38 -6.88 3.86
C ALA A 14 -0.90 -7.26 2.46
N ASN A 15 -0.85 -6.28 1.56
CA ASN A 15 -0.41 -6.52 0.20
C ASN A 15 0.46 -5.37 -0.30
N VAL A 16 1.73 -5.66 -0.52
CA VAL A 16 2.67 -4.64 -1.00
C VAL A 16 2.44 -4.34 -2.48
N ALA A 17 2.38 -5.39 -3.29
CA ALA A 17 2.16 -5.24 -4.72
C ALA A 17 0.83 -4.54 -5.01
N ALA A 18 -0.21 -4.98 -4.33
CA ALA A 18 -1.54 -4.39 -4.50
C ALA A 18 -1.52 -2.89 -4.21
N HIS A 19 -0.71 -2.49 -3.23
CA HIS A 19 -0.60 -1.08 -2.86
C HIS A 19 0.24 -0.33 -3.88
N MET A 20 1.49 -0.74 -4.05
CA MET A 20 2.41 -0.09 -4.99
C MET A 20 1.76 0.13 -6.34
N THR A 21 1.06 -0.89 -6.85
CA THR A 21 0.39 -0.80 -8.14
C THR A 21 -0.59 0.38 -8.17
N HIS A 22 -1.07 0.78 -6.99
CA HIS A 22 -2.00 1.89 -6.87
C HIS A 22 -1.39 3.03 -6.07
N CYS A 23 -0.13 2.89 -5.70
CA CYS A 23 0.54 3.89 -4.91
C CYS A 23 2.01 4.02 -5.32
N ALA A 24 2.29 3.79 -6.60
CA ALA A 24 3.64 3.87 -7.13
C ALA A 24 4.24 5.24 -6.87
N LYS A 25 5.54 5.27 -6.59
CA LYS A 25 6.25 6.52 -6.33
C LYS A 25 6.26 7.41 -7.57
ZN ZN B . -1.41 2.71 -0.86
N ARG A 1 8.97 -3.05 1.22
CA ARG A 1 8.34 -2.50 2.45
C ARG A 1 7.11 -1.67 2.12
N VAL A 2 5.94 -2.23 2.39
CA VAL A 2 4.68 -1.54 2.13
C VAL A 2 4.24 -0.71 3.34
N ILE A 3 5.15 0.13 3.83
CA ILE A 3 4.86 0.98 4.97
C ILE A 3 4.97 2.47 4.60
N ALA A 4 4.58 2.78 3.37
CA ALA A 4 4.64 4.16 2.90
C ALA A 4 3.27 4.64 2.43
N CYS A 5 2.22 4.10 3.03
CA CYS A 5 0.86 4.47 2.68
C CYS A 5 0.12 5.03 3.87
N PHE A 6 -0.94 5.80 3.61
CA PHE A 6 -1.73 6.41 4.67
C PHE A 6 -3.21 6.02 4.54
N LEU A 7 -3.45 4.80 4.09
CA LEU A 7 -4.81 4.31 3.91
C LEU A 7 -5.01 2.98 4.63
N LYS A 8 -6.22 2.75 5.14
CA LYS A 8 -6.53 1.52 5.85
C LYS A 8 -6.66 0.35 4.88
N VAL A 9 -7.59 0.47 3.94
CA VAL A 9 -7.81 -0.58 2.95
C VAL A 9 -6.56 -0.81 2.10
N CYS A 10 -5.71 0.21 2.03
CA CYS A 10 -4.48 0.10 1.24
C CYS A 10 -3.31 -0.33 2.12
N ALA A 11 -2.93 0.51 3.08
CA ALA A 11 -1.84 0.20 3.98
C ALA A 11 -2.19 -0.93 4.93
N ALA A 12 -3.40 -0.88 5.49
CA ALA A 12 -3.86 -1.90 6.43
C ALA A 12 -4.49 -3.08 5.69
N ALA A 13 -3.95 -3.42 4.53
CA ALA A 13 -4.47 -4.54 3.75
C ALA A 13 -3.43 -5.65 3.60
N ALA A 14 -2.24 -5.43 4.16
CA ALA A 14 -1.17 -6.42 4.08
C ALA A 14 -0.82 -6.75 2.63
N ASN A 15 -1.02 -5.77 1.75
CA ASN A 15 -0.73 -5.95 0.33
C ASN A 15 0.36 -4.98 -0.12
N VAL A 16 1.49 -5.54 -0.58
CA VAL A 16 2.60 -4.74 -1.04
C VAL A 16 2.45 -4.37 -2.51
N ALA A 17 2.44 -5.39 -3.37
CA ALA A 17 2.30 -5.17 -4.81
C ALA A 17 0.99 -4.47 -5.13
N ALA A 18 -0.09 -4.91 -4.48
CA ALA A 18 -1.41 -4.32 -4.70
C ALA A 18 -1.40 -2.83 -4.38
N HIS A 19 -0.59 -2.45 -3.39
CA HIS A 19 -0.49 -1.06 -2.98
C HIS A 19 0.32 -0.24 -4.00
N MET A 20 1.59 -0.62 -4.17
CA MET A 20 2.47 0.08 -5.10
C MET A 20 1.80 0.32 -6.45
N THR A 21 1.13 -0.71 -6.96
CA THR A 21 0.45 -0.60 -8.25
C THR A 21 -0.56 0.54 -8.25
N HIS A 22 -1.05 0.89 -7.06
CA HIS A 22 -2.03 1.96 -6.91
C HIS A 22 -1.45 3.11 -6.08
N CYS A 23 -0.18 3.00 -5.72
CA CYS A 23 0.46 4.01 -4.91
C CYS A 23 1.92 4.19 -5.34
N ALA A 24 2.19 4.00 -6.62
CA ALA A 24 3.53 4.15 -7.15
C ALA A 24 3.95 5.61 -7.18
N LYS A 25 5.19 5.86 -7.60
CA LYS A 25 5.71 7.22 -7.68
C LYS A 25 5.70 7.74 -9.11
ZN ZN B . -1.40 2.64 -0.87
N ARG A 1 8.54 -2.16 1.32
CA ARG A 1 7.65 -2.45 2.47
C ARG A 1 6.39 -1.59 2.43
N VAL A 2 5.23 -2.25 2.56
CA VAL A 2 3.95 -1.54 2.53
C VAL A 2 3.67 -0.87 3.87
N ILE A 3 4.54 0.05 4.26
CA ILE A 3 4.37 0.78 5.52
C ILE A 3 4.61 2.27 5.33
N ALA A 4 4.36 2.76 4.11
CA ALA A 4 4.54 4.17 3.80
C ALA A 4 3.21 4.84 3.49
N CYS A 5 2.29 4.07 2.93
CA CYS A 5 0.97 4.59 2.58
C CYS A 5 0.25 5.15 3.81
N PHE A 6 -0.77 5.96 3.58
CA PHE A 6 -1.53 6.57 4.66
C PHE A 6 -3.02 6.26 4.52
N LEU A 7 -3.33 5.08 3.99
CA LEU A 7 -4.71 4.67 3.80
C LEU A 7 -5.02 3.43 4.64
N LYS A 8 -6.29 3.24 4.96
CA LYS A 8 -6.73 2.08 5.74
C LYS A 8 -6.81 0.84 4.88
N VAL A 9 -7.43 0.96 3.72
CA VAL A 9 -7.58 -0.15 2.80
C VAL A 9 -6.49 -0.13 1.72
N CYS A 10 -5.28 0.21 2.12
CA CYS A 10 -4.15 0.28 1.20
C CYS A 10 -2.85 -0.16 1.88
N ALA A 11 -2.52 0.52 2.98
CA ALA A 11 -1.31 0.20 3.72
C ALA A 11 -1.48 -1.07 4.54
N ALA A 12 -2.58 -1.15 5.29
CA ALA A 12 -2.86 -2.31 6.11
C ALA A 12 -3.58 -3.41 5.33
N ALA A 13 -3.23 -3.55 4.05
CA ALA A 13 -3.85 -4.55 3.20
C ALA A 13 -3.02 -5.84 3.16
N ALA A 14 -1.89 -5.84 3.86
CA ALA A 14 -1.02 -7.01 3.90
C ALA A 14 -0.56 -7.40 2.49
N ASN A 15 -0.43 -6.40 1.62
CA ASN A 15 0.00 -6.64 0.25
C ASN A 15 0.67 -5.39 -0.33
N VAL A 16 1.97 -5.50 -0.60
CA VAL A 16 2.72 -4.38 -1.16
C VAL A 16 2.39 -4.17 -2.63
N ALA A 17 2.13 -5.27 -3.33
CA ALA A 17 1.80 -5.21 -4.75
C ALA A 17 0.48 -4.47 -4.98
N ALA A 18 -0.55 -4.89 -4.26
CA ALA A 18 -1.86 -4.27 -4.38
C ALA A 18 -1.78 -2.76 -4.15
N HIS A 19 -0.94 -2.36 -3.20
CA HIS A 19 -0.76 -0.94 -2.89
C HIS A 19 0.07 -0.26 -3.96
N MET A 20 1.30 -0.73 -4.15
CA MET A 20 2.21 -0.15 -5.15
C MET A 20 1.52 0.04 -6.50
N THR A 21 0.77 -0.97 -6.93
CA THR A 21 0.07 -0.91 -8.21
C THR A 21 -0.86 0.30 -8.27
N HIS A 22 -1.28 0.78 -7.09
CA HIS A 22 -2.16 1.93 -7.00
C HIS A 22 -1.49 3.09 -6.26
N CYS A 23 -0.23 2.90 -5.91
CA CYS A 23 0.50 3.91 -5.17
C CYS A 23 1.96 3.96 -5.62
N ALA A 24 2.21 4.67 -6.71
CA ALA A 24 3.56 4.80 -7.24
C ALA A 24 4.42 5.73 -6.38
N LYS A 25 5.69 5.83 -6.71
CA LYS A 25 6.61 6.69 -5.97
C LYS A 25 7.47 7.53 -6.91
ZN ZN B . -1.40 2.95 -1.04
N ARG A 1 8.61 -2.97 0.43
CA ARG A 1 7.85 -2.79 1.70
C ARG A 1 6.51 -2.10 1.45
N VAL A 2 5.66 -2.09 2.47
CA VAL A 2 4.35 -1.47 2.37
C VAL A 2 4.02 -0.67 3.62
N ILE A 3 4.93 0.20 4.02
CA ILE A 3 4.75 1.03 5.20
C ILE A 3 4.91 2.51 4.86
N ALA A 4 4.49 2.89 3.66
CA ALA A 4 4.60 4.28 3.22
C ALA A 4 3.26 4.78 2.68
N CYS A 5 2.17 4.26 3.23
CA CYS A 5 0.83 4.65 2.80
C CYS A 5 0.03 5.20 3.98
N PHE A 6 -1.01 5.97 3.67
CA PHE A 6 -1.85 6.56 4.70
C PHE A 6 -3.32 6.21 4.46
N LEU A 7 -3.56 5.01 3.95
CA LEU A 7 -4.92 4.57 3.67
C LEU A 7 -5.25 3.30 4.45
N LYS A 8 -6.46 3.23 4.98
CA LYS A 8 -6.90 2.08 5.75
C LYS A 8 -6.97 0.84 4.87
N VAL A 9 -7.60 0.97 3.71
CA VAL A 9 -7.74 -0.14 2.77
C VAL A 9 -6.63 -0.12 1.74
N CYS A 10 -5.40 0.08 2.19
CA CYS A 10 -4.24 0.13 1.30
C CYS A 10 -2.98 -0.31 2.02
N ALA A 11 -2.64 0.41 3.10
CA ALA A 11 -1.45 0.08 3.88
C ALA A 11 -1.67 -1.15 4.74
N ALA A 12 -2.78 -1.18 5.47
CA ALA A 12 -3.11 -2.31 6.33
C ALA A 12 -3.85 -3.41 5.57
N ALA A 13 -3.49 -3.60 4.31
CA ALA A 13 -4.13 -4.62 3.48
C ALA A 13 -3.24 -5.87 3.36
N ALA A 14 -2.07 -5.83 3.98
CA ALA A 14 -1.14 -6.96 3.93
C ALA A 14 -0.77 -7.30 2.49
N ASN A 15 -0.75 -6.29 1.64
CA ASN A 15 -0.41 -6.48 0.23
C ASN A 15 0.44 -5.32 -0.29
N VAL A 16 1.73 -5.58 -0.47
CA VAL A 16 2.64 -4.56 -0.96
C VAL A 16 2.40 -4.26 -2.44
N ALA A 17 2.33 -5.31 -3.24
CA ALA A 17 2.10 -5.16 -4.68
C ALA A 17 0.77 -4.46 -4.95
N ALA A 18 -0.28 -4.88 -4.26
CA ALA A 18 -1.60 -4.28 -4.42
C ALA A 18 -1.56 -2.78 -4.15
N HIS A 19 -0.75 -2.39 -3.16
CA HIS A 19 -0.62 -0.98 -2.80
C HIS A 19 0.23 -0.24 -3.83
N MET A 20 1.48 -0.66 -4.00
CA MET A 20 2.39 -0.03 -4.94
C MET A 20 1.74 0.19 -6.30
N THR A 21 1.04 -0.83 -6.80
CA THR A 21 0.36 -0.74 -8.09
C THR A 21 -0.60 0.44 -8.12
N HIS A 22 -1.07 0.85 -6.95
CA HIS A 22 -1.99 1.98 -6.84
C HIS A 22 -1.38 3.13 -6.05
N CYS A 23 -0.11 2.97 -5.67
CA CYS A 23 0.57 3.98 -4.88
C CYS A 23 2.04 4.09 -5.29
N ALA A 24 2.31 3.83 -6.57
CA ALA A 24 3.67 3.90 -7.09
C ALA A 24 4.26 5.29 -6.91
N LYS A 25 5.50 5.46 -7.33
CA LYS A 25 6.18 6.74 -7.22
C LYS A 25 6.77 7.18 -8.56
ZN ZN B . -1.39 2.83 -0.82
N ARG A 1 7.91 -1.52 0.34
CA ARG A 1 7.23 -1.65 1.65
C ARG A 1 5.83 -1.06 1.62
N VAL A 2 4.91 -1.69 2.36
CA VAL A 2 3.53 -1.22 2.41
C VAL A 2 3.28 -0.36 3.65
N ILE A 3 4.27 0.46 3.99
CA ILE A 3 4.17 1.34 5.14
C ILE A 3 4.05 2.81 4.73
N ALA A 4 4.63 3.14 3.58
CA ALA A 4 4.58 4.50 3.06
C ALA A 4 3.15 4.97 2.87
N CYS A 5 2.24 4.02 2.65
CA CYS A 5 0.84 4.34 2.45
C CYS A 5 0.28 5.12 3.63
N PHE A 6 -0.38 6.23 3.34
CA PHE A 6 -0.98 7.07 4.38
C PHE A 6 -2.46 6.77 4.55
N LEU A 7 -2.83 5.50 4.38
CA LEU A 7 -4.21 5.07 4.51
C LEU A 7 -4.32 3.89 5.47
N LYS A 8 -5.44 3.16 5.39
CA LYS A 8 -5.66 1.99 6.24
C LYS A 8 -6.19 0.82 5.42
N VAL A 9 -7.17 1.10 4.58
CA VAL A 9 -7.77 0.05 3.74
C VAL A 9 -6.76 -0.45 2.70
N CYS A 10 -5.86 0.43 2.29
CA CYS A 10 -4.84 0.08 1.30
C CYS A 10 -3.60 -0.48 1.97
N ALA A 11 -3.07 0.26 2.95
CA ALA A 11 -1.88 -0.16 3.67
C ALA A 11 -2.13 -1.44 4.44
N ALA A 12 -3.28 -1.52 5.12
CA ALA A 12 -3.64 -2.70 5.90
C ALA A 12 -4.31 -3.76 5.03
N ALA A 13 -3.88 -3.89 3.78
CA ALA A 13 -4.45 -4.87 2.87
C ALA A 13 -3.60 -6.13 2.81
N ALA A 14 -2.50 -6.16 3.57
CA ALA A 14 -1.60 -7.31 3.59
C ALA A 14 -1.08 -7.63 2.19
N ASN A 15 -0.82 -6.58 1.42
CA ASN A 15 -0.31 -6.75 0.06
C ASN A 15 0.57 -5.57 -0.34
N VAL A 16 1.87 -5.81 -0.45
CA VAL A 16 2.82 -4.77 -0.83
C VAL A 16 2.71 -4.44 -2.32
N ALA A 17 2.65 -5.48 -3.13
CA ALA A 17 2.55 -5.31 -4.58
C ALA A 17 1.23 -4.63 -4.96
N ALA A 18 0.13 -5.13 -4.39
CA ALA A 18 -1.19 -4.56 -4.66
C ALA A 18 -1.24 -3.08 -4.31
N HIS A 19 -0.46 -2.69 -3.30
CA HIS A 19 -0.42 -1.31 -2.86
C HIS A 19 0.39 -0.45 -3.85
N MET A 20 1.66 -0.77 -4.00
CA MET A 20 2.56 -0.04 -4.89
C MET A 20 1.90 0.20 -6.26
N THR A 21 1.28 -0.83 -6.81
CA THR A 21 0.62 -0.73 -8.10
C THR A 21 -0.43 0.39 -8.10
N HIS A 22 -0.95 0.70 -6.92
CA HIS A 22 -1.97 1.73 -6.77
C HIS A 22 -1.45 2.89 -5.91
N CYS A 23 -0.18 2.81 -5.52
CA CYS A 23 0.43 3.82 -4.68
C CYS A 23 1.89 4.05 -5.07
N ALA A 24 2.16 4.02 -6.37
CA ALA A 24 3.50 4.24 -6.87
C ALA A 24 4.05 5.59 -6.42
N LYS A 25 5.37 5.77 -6.55
CA LYS A 25 6.01 7.01 -6.17
C LYS A 25 6.82 7.58 -7.33
ZN ZN B . -1.49 2.32 -0.71
N ARG A 1 8.03 -2.39 0.98
CA ARG A 1 7.35 -2.16 2.29
C ARG A 1 6.04 -1.39 2.12
N VAL A 2 4.95 -1.98 2.59
CA VAL A 2 3.64 -1.36 2.47
C VAL A 2 3.29 -0.59 3.75
N ILE A 3 4.26 0.18 4.25
CA ILE A 3 4.06 0.97 5.45
C ILE A 3 4.05 2.46 5.15
N ALA A 4 4.77 2.85 4.10
CA ALA A 4 4.83 4.25 3.70
C ALA A 4 3.46 4.80 3.39
N CYS A 5 2.55 3.92 2.95
CA CYS A 5 1.19 4.34 2.61
C CYS A 5 0.50 4.96 3.82
N PHE A 6 -0.56 5.73 3.54
CA PHE A 6 -1.30 6.40 4.61
C PHE A 6 -2.81 6.20 4.42
N LEU A 7 -3.17 5.03 3.90
CA LEU A 7 -4.58 4.72 3.66
C LEU A 7 -5.00 3.48 4.45
N LYS A 8 -6.27 3.45 4.86
CA LYS A 8 -6.80 2.33 5.62
C LYS A 8 -6.83 1.06 4.77
N VAL A 9 -7.59 1.11 3.68
CA VAL A 9 -7.71 -0.03 2.77
C VAL A 9 -6.59 -0.04 1.74
N CYS A 10 -5.35 -0.01 2.22
CA CYS A 10 -4.19 -0.01 1.34
C CYS A 10 -2.94 -0.45 2.09
N ALA A 11 -2.58 0.29 3.14
CA ALA A 11 -1.42 -0.03 3.94
C ALA A 11 -1.68 -1.23 4.85
N ALA A 12 -2.84 -1.23 5.49
CA ALA A 12 -3.22 -2.31 6.39
C ALA A 12 -3.87 -3.47 5.64
N ALA A 13 -3.40 -3.74 4.42
CA ALA A 13 -3.95 -4.81 3.62
C ALA A 13 -2.99 -6.00 3.54
N ALA A 14 -1.84 -5.88 4.20
CA ALA A 14 -0.85 -6.95 4.19
C ALA A 14 -0.39 -7.28 2.78
N ASN A 15 -0.43 -6.28 1.90
CA ASN A 15 -0.02 -6.47 0.52
C ASN A 15 0.96 -5.38 0.08
N VAL A 16 1.78 -5.69 -0.92
CA VAL A 16 2.76 -4.73 -1.42
C VAL A 16 2.48 -4.40 -2.88
N ALA A 17 2.28 -5.42 -3.70
CA ALA A 17 2.01 -5.24 -5.12
C ALA A 17 0.69 -4.50 -5.33
N ALA A 18 -0.34 -4.94 -4.63
CA ALA A 18 -1.66 -4.32 -4.74
C ALA A 18 -1.60 -2.84 -4.39
N HIS A 19 -0.75 -2.50 -3.43
CA HIS A 19 -0.58 -1.12 -3.01
C HIS A 19 0.20 -0.32 -4.04
N MET A 20 1.44 -0.74 -4.29
CA MET A 20 2.32 -0.06 -5.24
C MET A 20 1.60 0.23 -6.56
N THR A 21 0.86 -0.76 -7.06
CA THR A 21 0.13 -0.60 -8.32
C THR A 21 -0.82 0.59 -8.25
N HIS A 22 -1.24 0.93 -7.03
CA HIS A 22 -2.15 2.05 -6.83
C HIS A 22 -1.49 3.15 -6.01
N CYS A 23 -0.22 2.98 -5.69
CA CYS A 23 0.51 3.94 -4.90
C CYS A 23 1.96 4.06 -5.38
N ALA A 24 2.17 3.84 -6.67
CA ALA A 24 3.50 3.93 -7.25
C ALA A 24 4.07 5.34 -7.11
N LYS A 25 5.34 5.50 -7.48
CA LYS A 25 6.00 6.79 -7.41
C LYS A 25 5.90 7.54 -8.73
ZN ZN B . -1.26 2.59 -0.82
N ARG A 1 8.30 -0.98 1.00
CA ARG A 1 7.32 -1.73 1.83
C ARG A 1 5.93 -1.12 1.74
N VAL A 2 4.96 -1.74 2.42
CA VAL A 2 3.59 -1.26 2.42
C VAL A 2 3.31 -0.39 3.63
N ILE A 3 4.27 0.44 4.00
CA ILE A 3 4.13 1.33 5.15
C ILE A 3 4.03 2.80 4.71
N ALA A 4 4.58 3.10 3.55
CA ALA A 4 4.56 4.46 3.02
C ALA A 4 3.12 4.95 2.84
N CYS A 5 2.21 4.02 2.62
CA CYS A 5 0.81 4.36 2.43
C CYS A 5 0.26 5.13 3.63
N PHE A 6 -0.41 6.25 3.36
CA PHE A 6 -0.98 7.08 4.41
C PHE A 6 -2.46 6.77 4.61
N LEU A 7 -2.82 5.50 4.44
CA LEU A 7 -4.21 5.07 4.59
C LEU A 7 -4.30 3.85 5.51
N LYS A 8 -5.40 3.13 5.42
CA LYS A 8 -5.61 1.94 6.24
C LYS A 8 -6.15 0.78 5.41
N VAL A 9 -7.14 1.07 4.58
CA VAL A 9 -7.74 0.06 3.72
C VAL A 9 -6.74 -0.42 2.67
N CYS A 10 -5.83 0.45 2.27
CA CYS A 10 -4.82 0.12 1.27
C CYS A 10 -3.56 -0.42 1.93
N ALA A 11 -3.08 0.28 2.94
CA ALA A 11 -1.88 -0.13 3.65
C ALA A 11 -2.10 -1.43 4.41
N ALA A 12 -3.25 -1.52 5.09
CA ALA A 12 -3.59 -2.70 5.86
C ALA A 12 -4.26 -3.77 4.99
N ALA A 13 -3.82 -3.88 3.74
CA ALA A 13 -4.39 -4.86 2.82
C ALA A 13 -3.54 -6.13 2.77
N ALA A 14 -2.45 -6.15 3.53
CA ALA A 14 -1.56 -7.30 3.56
C ALA A 14 -1.03 -7.64 2.17
N ASN A 15 -0.88 -6.61 1.34
CA ASN A 15 -0.38 -6.79 -0.02
C ASN A 15 0.49 -5.61 -0.44
N VAL A 16 1.80 -5.82 -0.44
CA VAL A 16 2.75 -4.77 -0.82
C VAL A 16 2.63 -4.45 -2.31
N ALA A 17 2.55 -5.49 -3.14
CA ALA A 17 2.44 -5.32 -4.58
C ALA A 17 1.13 -4.63 -4.95
N ALA A 18 0.03 -5.11 -4.38
CA ALA A 18 -1.28 -4.54 -4.65
C ALA A 18 -1.31 -3.06 -4.31
N HIS A 19 -0.54 -2.67 -3.30
CA HIS A 19 -0.47 -1.28 -2.88
C HIS A 19 0.34 -0.45 -3.86
N MET A 20 1.63 -0.79 -4.00
CA MET A 20 2.53 -0.08 -4.90
C MET A 20 1.89 0.17 -6.27
N THR A 21 1.26 -0.87 -6.81
CA THR A 21 0.61 -0.76 -8.11
C THR A 21 -0.42 0.36 -8.13
N HIS A 22 -0.95 0.68 -6.96
CA HIS A 22 -1.95 1.74 -6.82
C HIS A 22 -1.42 2.89 -5.97
N CYS A 23 -0.16 2.80 -5.57
CA CYS A 23 0.45 3.82 -4.74
C CYS A 23 1.91 4.03 -5.11
N ALA A 24 2.15 4.29 -6.40
CA ALA A 24 3.50 4.51 -6.90
C ALA A 24 4.14 5.71 -6.20
N LYS A 25 5.36 6.03 -6.61
CA LYS A 25 6.10 7.15 -6.03
C LYS A 25 6.56 8.12 -7.11
ZN ZN B . -1.52 2.38 -0.76
N ARG A 1 7.94 -3.02 0.66
CA ARG A 1 7.56 -2.47 1.99
C ARG A 1 6.27 -1.65 1.91
N VAL A 2 5.20 -2.18 2.48
CA VAL A 2 3.92 -1.50 2.47
C VAL A 2 3.78 -0.58 3.68
N ILE A 3 4.76 0.29 3.88
CA ILE A 3 4.75 1.22 5.01
C ILE A 3 4.85 2.67 4.52
N ALA A 4 4.33 2.93 3.33
CA ALA A 4 4.36 4.26 2.75
C ALA A 4 2.99 4.68 2.23
N CYS A 5 1.95 4.17 2.87
CA CYS A 5 0.58 4.49 2.47
C CYS A 5 -0.07 5.43 3.47
N PHE A 6 -0.82 6.41 2.97
CA PHE A 6 -1.49 7.38 3.82
C PHE A 6 -2.96 6.99 4.03
N LEU A 7 -3.21 5.68 4.10
CA LEU A 7 -4.57 5.18 4.29
C LEU A 7 -4.58 4.05 5.30
N LYS A 8 -5.63 3.23 5.28
CA LYS A 8 -5.75 2.11 6.21
C LYS A 8 -6.20 0.85 5.47
N VAL A 9 -7.21 0.99 4.62
CA VAL A 9 -7.72 -0.14 3.85
C VAL A 9 -6.72 -0.58 2.78
N CYS A 10 -5.92 0.37 2.31
CA CYS A 10 -4.92 0.09 1.29
C CYS A 10 -3.62 -0.40 1.92
N ALA A 11 -3.22 0.24 3.01
CA ALA A 11 -2.00 -0.14 3.71
C ALA A 11 -2.19 -1.43 4.51
N ALA A 12 -3.35 -1.54 5.16
CA ALA A 12 -3.67 -2.72 5.96
C ALA A 12 -4.28 -3.84 5.11
N ALA A 13 -3.81 -3.97 3.87
CA ALA A 13 -4.30 -4.99 2.97
C ALA A 13 -3.37 -6.20 2.91
N ALA A 14 -2.26 -6.13 3.65
CA ALA A 14 -1.29 -7.21 3.68
C ALA A 14 -0.78 -7.52 2.28
N ASN A 15 -0.73 -6.51 1.42
CA ASN A 15 -0.25 -6.67 0.06
C ASN A 15 0.58 -5.46 -0.39
N VAL A 16 1.89 -5.66 -0.48
CA VAL A 16 2.79 -4.59 -0.89
C VAL A 16 2.62 -4.27 -2.37
N ALA A 17 2.64 -5.30 -3.20
CA ALA A 17 2.49 -5.12 -4.64
C ALA A 17 1.16 -4.46 -4.97
N ALA A 18 0.08 -4.98 -4.39
CA ALA A 18 -1.25 -4.45 -4.62
C ALA A 18 -1.31 -2.96 -4.26
N HIS A 19 -0.58 -2.58 -3.22
CA HIS A 19 -0.54 -1.19 -2.78
C HIS A 19 0.30 -0.34 -3.73
N MET A 20 1.58 -0.68 -3.84
CA MET A 20 2.51 0.06 -4.70
C MET A 20 1.91 0.31 -6.08
N THR A 21 1.29 -0.72 -6.67
CA THR A 21 0.69 -0.59 -7.98
C THR A 21 -0.35 0.54 -8.01
N HIS A 22 -0.90 0.85 -6.84
CA HIS A 22 -1.90 1.91 -6.72
C HIS A 22 -1.39 3.05 -5.84
N CYS A 23 -0.14 2.95 -5.40
CA CYS A 23 0.44 3.95 -4.52
C CYS A 23 1.90 4.16 -4.85
N ALA A 24 2.20 4.40 -6.13
CA ALA A 24 3.56 4.63 -6.59
C ALA A 24 4.19 5.83 -5.87
N LYS A 25 5.44 6.13 -6.21
CA LYS A 25 6.15 7.24 -5.60
C LYS A 25 6.74 8.16 -6.66
ZN ZN B . -1.66 2.44 -0.66
#